data_9KR3
#
_entry.id   9KR3
#
_cell.length_a   164.790
_cell.length_b   164.790
_cell.length_c   164.790
_cell.angle_alpha   90.000
_cell.angle_beta   90.000
_cell.angle_gamma   90.000
#
_symmetry.space_group_name_H-M   'I 2 3'
#
loop_
_entity.id
_entity.type
_entity.pdbx_description
1 polymer 'SGNH/GDSL hydrolase family protein'
2 non-polymer '[(2S,4S,6S,8S,10R,12R,14R,16R,18R,20R)-12-acetyloxy-2,4,6,10,14,16,18,20,22-nonakis(oxidanyl)docosan-8-yl] ethanoate'
3 non-polymer 'CHLORIDE ION'
4 water water
#
_entity_poly.entity_id   1
_entity_poly.type   'polypeptide(L)'
_entity_poly.pdbx_seq_one_letter_code
;MGSSHHHHHHSSGLVPRGSHMYASWTASMSDATQVLPGAAPAASQSFNNQTVRHVLRLSLGGNTLRVKVSNLFGKSPITF
TAVRVAKSTGQSNIDVSTDKSVTFNGQASVTLEAGTELVSDAVNLEVAPLTNIAVSMYFSSPTAMPTVHALGVQTAFIGA
GNQTAATSISAAAADQSQSYYGLTALEVSSIQKTNVVVTFGDAITDGYKSTVDASKRYPNQLDDRLKTAGFSRIGVVNQG
ISGNRWLNDFSGPSGTSRFDRDVLNVTGITHAIILLGVNDLGFSAWLAPTQTVTAEQVIAAMTTAIVKAKAKGIKVFVGT
IIPFKGASMGYYYTDAAEAKRQTINTFIRNSKEIDGVIDFADALKNPADPLTINPIYDSGDALHPNDAGYEAMAAAIDLS
KLQ
;
_entity_poly.pdbx_strand_id   A
#
# COMPACT_ATOMS: atom_id res chain seq x y z
N GLY A 13 27.63 -15.92 -16.95
CA GLY A 13 27.11 -16.63 -18.11
C GLY A 13 25.67 -16.27 -18.42
N LEU A 14 25.00 -17.10 -19.20
CA LEU A 14 23.60 -16.87 -19.53
C LEU A 14 22.73 -17.09 -18.30
N VAL A 15 21.88 -16.12 -17.99
CA VAL A 15 20.98 -16.25 -16.83
C VAL A 15 20.01 -17.41 -17.07
N PRO A 16 19.86 -18.36 -16.15
CA PRO A 16 18.91 -19.46 -16.36
C PRO A 16 17.53 -18.91 -16.74
N ARG A 17 16.92 -19.53 -17.75
CA ARG A 17 15.79 -18.94 -18.46
C ARG A 17 14.44 -19.14 -17.77
N GLY A 18 14.37 -19.83 -16.63
CA GLY A 18 13.11 -20.00 -15.94
C GLY A 18 12.51 -18.67 -15.53
N SER A 19 11.26 -18.43 -15.93
CA SER A 19 10.56 -17.18 -15.65
C SER A 19 9.78 -17.32 -14.35
N HIS A 20 9.66 -16.21 -13.61
CA HIS A 20 8.91 -16.19 -12.36
C HIS A 20 8.21 -14.85 -12.23
N MET A 21 7.08 -14.86 -11.52
CA MET A 21 6.31 -13.64 -11.25
C MET A 21 6.78 -12.97 -9.96
N TYR A 22 6.74 -11.63 -9.95
CA TYR A 22 7.12 -10.84 -8.79
C TYR A 22 6.10 -9.72 -8.60
N ALA A 23 5.75 -9.44 -7.33
CA ALA A 23 4.89 -8.30 -7.07
C ALA A 23 5.60 -7.01 -7.50
N SER A 24 4.97 -6.26 -8.38
CA SER A 24 5.52 -5.01 -8.89
C SER A 24 4.81 -3.79 -8.33
N TRP A 25 3.55 -3.96 -7.93
CA TRP A 25 2.76 -2.92 -7.28
C TRP A 25 1.73 -3.65 -6.41
N THR A 26 1.43 -3.09 -5.25
CA THR A 26 0.42 -3.66 -4.35
C THR A 26 -0.37 -2.54 -3.71
N ALA A 27 -1.56 -2.90 -3.24
CA ALA A 27 -2.38 -2.01 -2.41
C ALA A 27 -3.12 -2.87 -1.40
N SER A 28 -2.97 -2.55 -0.12
CA SER A 28 -3.66 -3.32 0.91
C SER A 28 -5.14 -2.98 0.90
N MET A 29 -5.98 -3.99 1.13
CA MET A 29 -7.43 -3.78 1.08
C MET A 29 -8.00 -3.47 2.47
N SER A 30 -8.97 -2.56 2.48
CA SER A 30 -9.78 -2.24 3.64
C SER A 30 -11.26 -2.46 3.30
N ASP A 31 -12.08 -2.54 4.34
CA ASP A 31 -13.53 -2.61 4.21
C ASP A 31 -14.08 -1.21 4.44
N ALA A 32 -14.57 -0.56 3.38
CA ALA A 32 -15.04 0.81 3.51
C ALA A 32 -16.26 0.94 4.43
N THR A 33 -16.96 -0.15 4.73
CA THR A 33 -18.13 -0.07 5.60
C THR A 33 -17.80 -0.28 7.07
N GLN A 34 -16.56 -0.62 7.40
CA GLN A 34 -16.21 -0.85 8.79
C GLN A 34 -15.96 0.47 9.50
N VAL A 35 -16.49 0.59 10.72
CA VAL A 35 -16.38 1.83 11.49
C VAL A 35 -15.99 1.49 12.93
N LEU A 36 -15.60 2.53 13.66
CA LEU A 36 -15.20 2.38 15.05
C LEU A 36 -16.39 1.98 15.91
N PRO A 37 -16.14 1.39 17.08
CA PRO A 37 -17.24 1.11 18.01
C PRO A 37 -18.04 2.37 18.30
N GLY A 38 -19.37 2.22 18.29
CA GLY A 38 -20.26 3.33 18.54
C GLY A 38 -20.46 4.28 17.37
N ALA A 39 -19.82 4.04 16.23
CA ALA A 39 -19.94 4.94 15.11
C ALA A 39 -21.14 4.57 14.24
N ALA A 40 -21.66 5.56 13.54
CA ALA A 40 -22.77 5.32 12.61
C ALA A 40 -22.29 4.51 11.41
N PRO A 41 -23.16 3.70 10.82
CA PRO A 41 -22.77 2.91 9.65
C PRO A 41 -22.23 3.78 8.53
N ALA A 42 -21.33 3.19 7.71
CA ALA A 42 -20.73 3.87 6.58
C ALA A 42 -21.07 3.10 5.31
N ALA A 43 -21.49 3.82 4.28
CA ALA A 43 -21.94 3.20 3.04
C ALA A 43 -20.75 2.92 2.13
N SER A 44 -20.86 1.86 1.33
CA SER A 44 -19.82 1.58 0.34
C SER A 44 -20.10 2.36 -0.95
N GLN A 45 -19.04 2.55 -1.73
CA GLN A 45 -19.19 3.05 -3.09
C GLN A 45 -19.80 1.96 -3.96
N SER A 46 -20.65 2.37 -4.90
N SER A 46 -20.66 2.36 -4.89
CA SER A 46 -21.22 1.44 -5.86
CA SER A 46 -21.23 1.44 -5.87
C SER A 46 -20.95 1.94 -7.28
C SER A 46 -20.98 1.94 -7.28
N PHE A 47 -20.93 1.00 -8.21
CA PHE A 47 -20.84 1.29 -9.64
C PHE A 47 -22.02 0.61 -10.32
N ASN A 48 -22.52 1.20 -11.39
CA ASN A 48 -23.62 0.58 -12.14
C ASN A 48 -23.45 0.96 -13.60
N ASN A 49 -23.08 -0.01 -14.43
CA ASN A 49 -22.79 0.22 -15.84
C ASN A 49 -21.76 1.34 -15.99
N GLN A 50 -20.61 1.17 -15.32
CA GLN A 50 -19.58 2.19 -15.28
C GLN A 50 -18.21 1.54 -15.37
N THR A 51 -17.25 2.35 -15.82
CA THR A 51 -15.85 1.96 -15.90
C THR A 51 -15.03 2.79 -14.92
N VAL A 52 -14.12 2.13 -14.20
N VAL A 52 -14.12 2.13 -14.22
CA VAL A 52 -13.12 2.80 -13.37
CA VAL A 52 -13.12 2.81 -13.40
C VAL A 52 -11.77 2.53 -13.99
C VAL A 52 -11.75 2.53 -13.99
N ARG A 53 -11.02 3.59 -14.30
CA ARG A 53 -9.65 3.47 -14.80
C ARG A 53 -8.71 3.88 -13.67
N HIS A 54 -7.93 2.93 -13.17
CA HIS A 54 -6.89 3.20 -12.17
C HIS A 54 -5.56 3.42 -12.87
N VAL A 55 -4.67 4.14 -12.20
CA VAL A 55 -3.31 4.34 -12.67
C VAL A 55 -2.37 3.93 -11.55
N LEU A 56 -1.30 3.20 -11.91
CA LEU A 56 -0.36 2.73 -10.89
C LEU A 56 1.05 2.69 -11.45
N ARG A 57 2.02 2.92 -10.57
CA ARG A 57 3.43 2.90 -10.93
C ARG A 57 4.04 1.52 -10.67
N LEU A 58 4.63 0.92 -11.70
CA LEU A 58 5.30 -0.36 -11.57
C LEU A 58 6.68 -0.17 -10.96
N SER A 59 7.01 -0.98 -9.95
CA SER A 59 8.37 -0.96 -9.43
C SER A 59 9.30 -1.85 -10.25
N LEU A 60 8.77 -2.97 -10.75
CA LEU A 60 9.57 -3.96 -11.47
C LEU A 60 9.03 -4.13 -12.88
N GLY A 61 9.94 -4.10 -13.87
CA GLY A 61 9.56 -4.39 -15.24
C GLY A 61 9.62 -5.87 -15.55
N GLY A 62 9.38 -6.20 -16.81
CA GLY A 62 9.41 -7.59 -17.23
C GLY A 62 8.61 -7.80 -18.50
N ASN A 63 8.35 -9.08 -18.79
CA ASN A 63 7.85 -9.47 -20.11
C ASN A 63 6.36 -9.73 -20.16
N THR A 64 5.76 -10.18 -19.06
CA THR A 64 4.31 -10.39 -18.98
C THR A 64 3.87 -9.91 -17.61
N LEU A 65 2.55 -9.73 -17.45
CA LEU A 65 2.03 -9.29 -16.17
C LEU A 65 0.71 -9.96 -15.88
N ARG A 66 0.31 -9.91 -14.61
CA ARG A 66 -1.02 -10.37 -14.25
C ARG A 66 -1.58 -9.45 -13.17
N VAL A 67 -2.91 -9.43 -13.07
CA VAL A 67 -3.65 -8.47 -12.26
C VAL A 67 -4.40 -9.24 -11.17
N LYS A 68 -4.28 -8.79 -9.93
CA LYS A 68 -5.01 -9.41 -8.83
C LYS A 68 -6.13 -8.49 -8.41
N VAL A 69 -7.36 -8.98 -8.51
CA VAL A 69 -8.55 -8.23 -8.13
C VAL A 69 -9.11 -8.84 -6.85
N SER A 70 -10.00 -8.10 -6.19
CA SER A 70 -10.41 -8.47 -4.83
C SER A 70 -11.87 -8.14 -4.57
N ASN A 71 -12.56 -9.10 -3.94
CA ASN A 71 -13.84 -8.88 -3.28
C ASN A 71 -13.75 -9.31 -1.82
N LEU A 72 -12.58 -9.06 -1.21
CA LEU A 72 -12.28 -9.60 0.12
C LEU A 72 -13.31 -9.17 1.15
N PHE A 73 -13.82 -7.94 1.06
CA PHE A 73 -14.76 -7.45 2.05
C PHE A 73 -16.15 -7.22 1.47
N GLY A 74 -16.42 -7.78 0.28
CA GLY A 74 -17.78 -7.77 -0.23
C GLY A 74 -18.71 -8.57 0.67
N LYS A 75 -19.98 -8.16 0.66
CA LYS A 75 -21.04 -8.89 1.33
C LYS A 75 -21.83 -9.77 0.38
N SER A 76 -21.57 -9.64 -0.92
CA SER A 76 -22.16 -10.50 -1.94
C SER A 76 -21.18 -10.52 -3.10
N PRO A 77 -21.37 -11.44 -4.06
CA PRO A 77 -20.44 -11.53 -5.20
C PRO A 77 -20.42 -10.25 -6.02
N ILE A 78 -19.31 -10.06 -6.72
CA ILE A 78 -19.21 -8.99 -7.72
C ILE A 78 -18.71 -9.62 -9.01
N THR A 79 -19.14 -9.05 -10.13
CA THR A 79 -18.70 -9.53 -11.44
C THR A 79 -17.98 -8.41 -12.15
N PHE A 80 -16.69 -8.63 -12.44
CA PHE A 80 -15.91 -7.73 -13.27
C PHE A 80 -16.26 -8.08 -14.71
N THR A 81 -17.06 -7.23 -15.36
CA THR A 81 -17.51 -7.56 -16.72
C THR A 81 -16.33 -7.55 -17.69
N ALA A 82 -15.42 -6.61 -17.53
CA ALA A 82 -14.19 -6.59 -18.32
C ALA A 82 -13.09 -5.94 -17.49
N VAL A 83 -11.87 -6.42 -17.69
CA VAL A 83 -10.68 -5.84 -17.09
C VAL A 83 -9.65 -5.68 -18.20
N ARG A 84 -9.04 -4.51 -18.32
CA ARG A 84 -8.06 -4.27 -19.37
C ARG A 84 -6.87 -3.53 -18.79
N VAL A 85 -5.73 -3.61 -19.51
CA VAL A 85 -4.50 -2.96 -19.07
C VAL A 85 -3.87 -2.26 -20.28
N ALA A 86 -3.16 -1.16 -20.02
CA ALA A 86 -2.50 -0.41 -21.07
C ALA A 86 -1.44 0.48 -20.43
N LYS A 87 -0.49 0.93 -21.25
CA LYS A 87 0.46 1.92 -20.75
C LYS A 87 -0.22 3.28 -20.63
N SER A 88 0.04 3.95 -19.50
CA SER A 88 -0.56 5.26 -19.25
C SER A 88 0.26 6.35 -19.93
N THR A 89 -0.43 7.34 -20.48
CA THR A 89 0.25 8.52 -21.01
C THR A 89 -0.11 9.78 -20.23
N GLY A 90 -0.55 9.63 -19.00
CA GLY A 90 -0.88 10.77 -18.16
C GLY A 90 -2.38 10.93 -18.00
N GLN A 91 -2.80 11.39 -16.82
CA GLN A 91 -4.21 11.59 -16.47
C GLN A 91 -4.95 10.29 -16.80
N SER A 92 -6.10 10.32 -17.48
CA SER A 92 -6.81 9.10 -17.82
C SER A 92 -6.38 8.52 -19.17
N ASN A 93 -5.39 9.12 -19.82
CA ASN A 93 -5.03 8.74 -21.18
C ASN A 93 -4.17 7.48 -21.20
N ILE A 94 -4.37 6.65 -22.23
CA ILE A 94 -3.58 5.45 -22.45
C ILE A 94 -3.03 5.45 -23.88
N ASP A 95 -1.98 4.66 -24.07
CA ASP A 95 -1.46 4.30 -25.39
C ASP A 95 -2.28 3.10 -25.89
N VAL A 96 -3.24 3.37 -26.78
CA VAL A 96 -4.18 2.33 -27.18
CA VAL A 96 -4.19 2.34 -27.21
C VAL A 96 -3.48 1.18 -27.91
N SER A 97 -2.30 1.42 -28.47
CA SER A 97 -1.58 0.33 -29.10
C SER A 97 -1.08 -0.71 -28.09
N THR A 98 -1.06 -0.36 -26.80
CA THR A 98 -0.66 -1.29 -25.74
C THR A 98 -1.85 -1.86 -24.98
N ASP A 99 -3.08 -1.53 -25.38
CA ASP A 99 -4.27 -2.04 -24.69
C ASP A 99 -4.37 -3.56 -24.86
N LYS A 100 -4.58 -4.27 -23.74
CA LYS A 100 -4.71 -5.72 -23.71
C LYS A 100 -5.90 -6.14 -22.86
N SER A 101 -6.55 -7.22 -23.29
CA SER A 101 -7.59 -7.84 -22.47
C SER A 101 -6.96 -8.61 -21.32
N VAL A 102 -7.51 -8.45 -20.12
CA VAL A 102 -7.09 -9.23 -18.95
C VAL A 102 -8.13 -10.33 -18.76
N THR A 103 -7.70 -11.59 -18.86
CA THR A 103 -8.63 -12.70 -18.79
C THR A 103 -8.37 -13.55 -17.54
N PHE A 104 -9.38 -14.34 -17.19
CA PHE A 104 -9.38 -15.17 -16.00
C PHE A 104 -9.81 -16.55 -16.44
N ASN A 105 -8.86 -17.49 -16.44
CA ASN A 105 -9.07 -18.81 -17.04
C ASN A 105 -9.63 -18.68 -18.45
N GLY A 106 -9.09 -17.72 -19.20
CA GLY A 106 -9.50 -17.48 -20.57
C GLY A 106 -10.74 -16.63 -20.77
N GLN A 107 -11.46 -16.28 -19.70
CA GLN A 107 -12.71 -15.54 -19.81
C GLN A 107 -12.47 -14.07 -19.56
N ALA A 108 -13.17 -13.22 -20.33
CA ALA A 108 -13.06 -11.78 -20.12
C ALA A 108 -13.82 -11.30 -18.89
N SER A 109 -14.95 -11.92 -18.55
CA SER A 109 -15.70 -11.57 -17.34
C SER A 109 -15.39 -12.59 -16.25
N VAL A 110 -15.39 -12.13 -14.99
CA VAL A 110 -15.16 -13.05 -13.88
C VAL A 110 -15.95 -12.60 -12.67
N THR A 111 -16.47 -13.57 -11.92
CA THR A 111 -17.23 -13.33 -10.70
C THR A 111 -16.40 -13.79 -9.50
N LEU A 112 -16.26 -12.92 -8.51
CA LEU A 112 -15.58 -13.25 -7.26
C LEU A 112 -16.62 -13.33 -6.15
N GLU A 113 -16.68 -14.47 -5.47
CA GLU A 113 -17.54 -14.57 -4.29
C GLU A 113 -17.08 -13.58 -3.23
N ALA A 114 -18.00 -13.21 -2.34
CA ALA A 114 -17.60 -12.40 -1.20
C ALA A 114 -16.49 -13.09 -0.43
N GLY A 115 -15.52 -12.30 0.04
CA GLY A 115 -14.42 -12.84 0.81
C GLY A 115 -13.29 -13.45 0.01
N THR A 116 -13.27 -13.30 -1.32
CA THR A 116 -12.26 -13.95 -2.14
C THR A 116 -11.48 -12.91 -2.95
N GLU A 117 -10.33 -13.36 -3.45
CA GLU A 117 -9.50 -12.59 -4.36
C GLU A 117 -9.07 -13.50 -5.51
N LEU A 118 -8.57 -12.91 -6.60
CA LEU A 118 -8.21 -13.73 -7.75
C LEU A 118 -7.17 -13.01 -8.61
N VAL A 119 -6.12 -13.74 -8.99
N VAL A 119 -6.11 -13.72 -8.99
CA VAL A 119 -5.11 -13.23 -9.93
CA VAL A 119 -5.13 -13.19 -9.92
C VAL A 119 -5.44 -13.71 -11.34
C VAL A 119 -5.47 -13.68 -11.32
N SER A 120 -5.25 -12.83 -12.31
CA SER A 120 -5.63 -13.09 -13.69
C SER A 120 -4.63 -14.01 -14.39
N ASP A 121 -4.99 -14.41 -15.61
CA ASP A 121 -4.05 -14.99 -16.55
C ASP A 121 -2.95 -13.99 -16.87
N ALA A 122 -1.81 -14.50 -17.33
CA ALA A 122 -0.73 -13.63 -17.76
C ALA A 122 -1.12 -12.87 -19.01
N VAL A 123 -0.69 -11.61 -19.07
CA VAL A 123 -0.95 -10.70 -20.18
C VAL A 123 0.39 -10.44 -20.86
N ASN A 124 0.42 -10.56 -22.19
CA ASN A 124 1.67 -10.35 -22.93
C ASN A 124 1.86 -8.87 -23.19
N LEU A 125 2.40 -8.17 -22.19
CA LEU A 125 2.72 -6.75 -22.32
C LEU A 125 4.06 -6.51 -21.65
N GLU A 126 5.06 -6.12 -22.45
CA GLU A 126 6.38 -5.82 -21.91
C GLU A 126 6.37 -4.45 -21.25
N VAL A 127 6.89 -4.36 -20.04
CA VAL A 127 6.84 -3.13 -19.25
C VAL A 127 8.19 -2.86 -18.60
N ALA A 128 8.46 -1.58 -18.31
CA ALA A 128 9.71 -1.10 -17.74
C ALA A 128 9.51 -0.65 -16.29
N PRO A 129 10.54 -0.74 -15.45
CA PRO A 129 10.43 -0.24 -14.07
C PRO A 129 10.17 1.27 -14.01
N LEU A 130 9.45 1.67 -12.97
CA LEU A 130 9.13 3.07 -12.69
C LEU A 130 8.36 3.72 -13.84
N THR A 131 7.50 2.94 -14.49
CA THR A 131 6.55 3.46 -15.47
C THR A 131 5.13 3.22 -14.97
N ASN A 132 4.18 4.00 -15.50
CA ASN A 132 2.79 3.94 -15.07
C ASN A 132 1.94 3.15 -16.06
N ILE A 133 1.09 2.28 -15.54
CA ILE A 133 0.11 1.60 -16.38
C ILE A 133 -1.27 1.90 -15.85
N ALA A 134 -2.27 1.72 -16.72
CA ALA A 134 -3.67 1.92 -16.37
C ALA A 134 -4.37 0.58 -16.37
N VAL A 135 -5.12 0.31 -15.30
CA VAL A 135 -5.91 -0.92 -15.16
C VAL A 135 -7.36 -0.48 -15.08
N SER A 136 -8.15 -0.88 -16.07
CA SER A 136 -9.51 -0.39 -16.23
C SER A 136 -10.49 -1.54 -16.02
N MET A 137 -11.57 -1.27 -15.26
CA MET A 137 -12.56 -2.27 -14.91
C MET A 137 -13.93 -1.76 -15.31
N TYR A 138 -14.73 -2.60 -15.97
CA TYR A 138 -16.11 -2.30 -16.32
C TYR A 138 -17.03 -3.17 -15.49
N PHE A 139 -17.99 -2.55 -14.80
CA PHE A 139 -19.02 -3.25 -14.04
C PHE A 139 -20.35 -3.01 -14.72
N SER A 140 -20.89 -4.01 -15.41
CA SER A 140 -22.13 -3.78 -16.15
C SER A 140 -23.34 -3.72 -15.23
N SER A 141 -23.29 -4.42 -14.10
CA SER A 141 -24.42 -4.55 -13.19
C SER A 141 -24.23 -3.65 -11.98
N PRO A 142 -25.29 -3.40 -11.21
CA PRO A 142 -25.13 -2.68 -9.93
C PRO A 142 -24.17 -3.44 -9.02
N THR A 143 -23.09 -2.77 -8.64
CA THR A 143 -21.95 -3.45 -8.00
C THR A 143 -21.54 -2.65 -6.78
N ALA A 144 -21.73 -3.22 -5.58
CA ALA A 144 -21.21 -2.60 -4.37
C ALA A 144 -19.75 -2.97 -4.19
N MET A 145 -18.89 -2.00 -3.89
CA MET A 145 -17.45 -2.22 -3.83
CA MET A 145 -17.45 -2.21 -3.82
C MET A 145 -16.90 -1.71 -2.50
N PRO A 146 -17.21 -2.40 -1.40
CA PRO A 146 -16.61 -2.02 -0.11
C PRO A 146 -15.12 -2.33 -0.06
N THR A 147 -14.61 -3.22 -0.93
CA THR A 147 -13.21 -3.62 -0.87
C THR A 147 -12.38 -2.59 -1.62
N VAL A 148 -11.64 -1.75 -0.89
CA VAL A 148 -10.92 -0.63 -1.49
C VAL A 148 -9.52 -0.53 -0.91
N HIS A 149 -8.64 0.14 -1.64
CA HIS A 149 -7.53 0.82 -0.99
C HIS A 149 -7.96 2.28 -0.86
N ALA A 150 -8.25 2.70 0.37
CA ALA A 150 -8.92 3.98 0.57
C ALA A 150 -8.04 5.15 0.11
N LEU A 151 -6.79 5.20 0.57
CA LEU A 151 -5.92 6.37 0.35
C LEU A 151 -4.96 6.06 -0.79
N GLY A 152 -5.43 6.27 -2.02
CA GLY A 152 -4.57 5.95 -3.17
C GLY A 152 -3.49 6.97 -3.46
N VAL A 153 -3.67 8.23 -3.02
CA VAL A 153 -2.78 9.33 -3.36
C VAL A 153 -2.58 9.39 -4.87
N GLN A 154 -3.63 9.06 -5.62
CA GLN A 154 -3.56 8.86 -7.05
C GLN A 154 -4.98 9.00 -7.59
N THR A 155 -5.12 9.73 -8.71
CA THR A 155 -6.43 9.95 -9.29
C THR A 155 -6.89 8.72 -10.07
N ALA A 156 -8.14 8.32 -9.84
CA ALA A 156 -8.82 7.32 -10.64
C ALA A 156 -9.97 7.98 -11.37
N PHE A 157 -10.35 7.43 -12.53
CA PHE A 157 -11.27 8.08 -13.46
C PHE A 157 -12.45 7.17 -13.75
N ILE A 158 -13.67 7.71 -13.57
CA ILE A 158 -14.89 6.92 -13.64
C ILE A 158 -15.79 7.48 -14.74
N GLY A 159 -16.31 6.60 -15.60
CA GLY A 159 -17.19 7.02 -16.67
C GLY A 159 -18.28 6.01 -16.96
N ALA A 160 -19.22 6.42 -17.82
CA ALA A 160 -20.38 5.59 -18.09
C ALA A 160 -20.08 4.56 -19.18
N GLY A 161 -20.72 3.40 -19.06
CA GLY A 161 -20.56 2.34 -20.04
C GLY A 161 -19.19 1.69 -19.94
N ASN A 162 -18.89 0.88 -20.97
CA ASN A 162 -17.62 0.16 -21.04
C ASN A 162 -16.62 1.03 -21.80
N GLN A 163 -15.80 1.75 -21.05
CA GLN A 163 -14.72 2.56 -21.62
C GLN A 163 -13.35 1.96 -21.35
N THR A 164 -13.29 0.66 -21.05
CA THR A 164 -12.02 0.06 -20.62
C THR A 164 -10.95 0.13 -21.70
N ALA A 165 -11.34 0.16 -22.97
CA ALA A 165 -10.38 0.24 -24.07
C ALA A 165 -10.27 1.64 -24.66
N ALA A 166 -10.96 2.63 -24.08
CA ALA A 166 -10.99 3.96 -24.67
C ALA A 166 -9.66 4.68 -24.45
N THR A 167 -9.35 5.62 -25.36
CA THR A 167 -8.10 6.37 -25.25
CA THR A 167 -8.10 6.36 -25.25
C THR A 167 -8.07 7.22 -23.99
N SER A 168 -9.23 7.67 -23.52
CA SER A 168 -9.33 8.45 -22.30
C SER A 168 -10.70 8.16 -21.71
N ILE A 169 -10.89 8.56 -20.45
CA ILE A 169 -12.20 8.38 -19.83
C ILE A 169 -12.98 9.67 -20.00
N SER A 170 -14.12 9.57 -20.67
CA SER A 170 -15.03 10.70 -20.85
C SER A 170 -16.00 10.73 -19.68
N ALA A 171 -15.92 11.78 -18.87
CA ALA A 171 -16.81 11.95 -17.73
C ALA A 171 -16.63 13.35 -17.16
N ALA A 172 -17.37 13.62 -16.09
CA ALA A 172 -17.20 14.86 -15.34
C ALA A 172 -16.06 14.71 -14.34
N ALA A 173 -15.30 15.80 -14.15
CA ALA A 173 -14.18 15.77 -13.23
C ALA A 173 -14.60 15.54 -11.78
N ALA A 174 -15.87 15.81 -11.44
CA ALA A 174 -16.37 15.51 -10.09
C ALA A 174 -16.59 14.02 -9.87
N ASP A 175 -16.52 13.20 -10.92
CA ASP A 175 -16.68 11.77 -10.81
C ASP A 175 -15.39 11.05 -10.47
N GLN A 176 -14.27 11.77 -10.37
CA GLN A 176 -12.99 11.15 -10.09
C GLN A 176 -12.92 10.70 -8.62
N SER A 177 -11.90 9.89 -8.33
CA SER A 177 -11.69 9.33 -7.01
C SER A 177 -10.19 9.31 -6.74
N GLN A 178 -9.82 9.10 -5.47
CA GLN A 178 -8.41 8.85 -5.16
C GLN A 178 -8.23 7.50 -4.45
N SER A 179 -9.16 6.57 -4.66
CA SER A 179 -9.10 5.22 -4.11
C SER A 179 -8.86 4.21 -5.22
N TYR A 180 -8.49 3.00 -4.81
CA TYR A 180 -8.45 1.84 -5.71
C TYR A 180 -9.62 0.93 -5.34
N TYR A 181 -10.36 0.46 -6.35
CA TYR A 181 -11.55 -0.36 -6.13
C TYR A 181 -11.28 -1.80 -6.53
N GLY A 182 -11.17 -2.69 -5.54
CA GLY A 182 -11.00 -4.10 -5.82
C GLY A 182 -9.75 -4.46 -6.60
N LEU A 183 -8.72 -3.63 -6.53
CA LEU A 183 -7.46 -3.85 -7.25
C LEU A 183 -6.35 -3.87 -6.23
N THR A 184 -5.66 -5.01 -6.09
CA THR A 184 -4.76 -5.17 -4.94
C THR A 184 -3.32 -5.57 -5.30
N ALA A 185 -3.05 -6.09 -6.51
CA ALA A 185 -1.66 -6.36 -6.85
C ALA A 185 -1.47 -6.39 -8.36
N LEU A 186 -0.25 -6.04 -8.75
CA LEU A 186 0.16 -6.17 -10.16
C LEU A 186 1.50 -6.90 -10.16
N GLU A 187 1.54 -8.08 -10.77
CA GLU A 187 2.71 -8.93 -10.74
C GLU A 187 3.28 -9.02 -12.15
N VAL A 188 4.61 -9.02 -12.26
CA VAL A 188 5.31 -8.94 -13.54
C VAL A 188 6.38 -10.04 -13.57
N SER A 189 6.55 -10.67 -14.73
CA SER A 189 7.45 -11.82 -14.83
C SER A 189 8.84 -11.41 -15.30
N SER A 190 9.86 -12.18 -14.87
CA SER A 190 11.23 -11.93 -15.28
C SER A 190 12.03 -13.20 -15.05
N ILE A 191 13.12 -13.36 -15.83
CA ILE A 191 14.08 -14.42 -15.53
C ILE A 191 15.18 -13.97 -14.59
N GLN A 192 15.28 -12.68 -14.28
CA GLN A 192 16.41 -12.17 -13.51
C GLN A 192 16.23 -12.42 -12.02
N LYS A 193 17.36 -12.56 -11.31
CA LYS A 193 17.33 -12.52 -9.86
C LYS A 193 16.67 -11.22 -9.40
N THR A 194 15.69 -11.34 -8.50
CA THR A 194 14.83 -10.21 -8.14
C THR A 194 14.56 -10.22 -6.65
N ASN A 195 14.67 -9.06 -6.01
CA ASN A 195 14.26 -8.87 -4.63
C ASN A 195 12.95 -8.09 -4.61
N VAL A 196 12.09 -8.37 -3.64
CA VAL A 196 10.83 -7.64 -3.45
C VAL A 196 10.80 -7.18 -2.01
N VAL A 197 10.83 -5.86 -1.80
CA VAL A 197 10.80 -5.24 -0.48
C VAL A 197 9.36 -4.77 -0.21
N VAL A 198 8.75 -5.32 0.84
CA VAL A 198 7.40 -4.92 1.23
C VAL A 198 7.51 -3.90 2.34
N THR A 199 6.93 -2.71 2.13
CA THR A 199 6.84 -1.70 3.17
C THR A 199 5.45 -1.81 3.81
N PHE A 200 5.42 -2.17 5.09
CA PHE A 200 4.19 -2.48 5.82
C PHE A 200 4.00 -1.40 6.88
N GLY A 201 2.83 -0.76 6.90
CA GLY A 201 2.63 0.32 7.86
C GLY A 201 1.29 1.01 7.77
N ASP A 202 1.26 2.25 8.27
CA ASP A 202 0.07 3.08 8.37
C ASP A 202 0.14 4.20 7.33
N ALA A 203 -0.44 5.37 7.64
CA ALA A 203 -0.45 6.47 6.66
C ALA A 203 0.95 6.92 6.29
N ILE A 204 1.93 6.75 7.20
CA ILE A 204 3.27 7.24 6.93
C ILE A 204 3.97 6.33 5.93
N THR A 205 3.51 5.09 5.79
CA THR A 205 3.94 4.23 4.69
C THR A 205 3.07 4.46 3.45
N ASP A 206 1.75 4.44 3.64
CA ASP A 206 0.77 4.67 2.56
C ASP A 206 1.08 5.96 1.79
N GLY A 207 1.53 6.99 2.49
CA GLY A 207 1.97 8.21 1.83
C GLY A 207 1.02 9.39 1.99
N TYR A 208 0.22 9.42 3.06
CA TYR A 208 -0.69 10.54 3.27
C TYR A 208 0.11 11.84 3.44
N LYS A 209 -0.33 12.89 2.72
CA LYS A 209 0.25 14.22 2.61
C LYS A 209 1.35 14.28 1.55
N SER A 210 1.76 13.16 0.94
CA SER A 210 2.61 13.30 -0.23
C SER A 210 1.77 13.73 -1.43
N THR A 211 2.43 14.28 -2.45
CA THR A 211 1.73 14.95 -3.54
C THR A 211 0.99 13.95 -4.43
N VAL A 212 -0.31 14.19 -4.62
CA VAL A 212 -1.14 13.28 -5.40
C VAL A 212 -0.65 13.20 -6.84
N ASP A 213 -0.61 11.97 -7.38
CA ASP A 213 -0.17 11.67 -8.74
C ASP A 213 1.30 11.95 -8.98
N ALA A 214 2.10 12.14 -7.94
CA ALA A 214 3.50 12.49 -8.11
C ALA A 214 4.47 11.37 -7.71
N SER A 215 3.97 10.26 -7.17
CA SER A 215 4.84 9.14 -6.78
C SER A 215 5.91 9.59 -5.77
N LYS A 216 5.45 10.28 -4.72
N LYS A 216 5.46 10.27 -4.71
CA LYS A 216 6.34 10.80 -3.69
CA LYS A 216 6.37 10.77 -3.70
C LYS A 216 6.15 10.11 -2.34
C LYS A 216 6.15 10.12 -2.34
N ARG A 217 5.42 9.00 -2.29
CA ARG A 217 5.34 8.21 -1.07
C ARG A 217 6.74 7.73 -0.71
N TYR A 218 7.02 7.54 0.59
CA TYR A 218 8.38 7.15 0.96
C TYR A 218 8.83 5.88 0.22
N PRO A 219 8.00 4.85 0.06
CA PRO A 219 8.49 3.69 -0.72
C PRO A 219 8.78 4.02 -2.18
N ASN A 220 8.07 4.99 -2.78
CA ASN A 220 8.42 5.44 -4.13
C ASN A 220 9.80 6.06 -4.17
N GLN A 221 10.11 6.89 -3.17
CA GLN A 221 11.40 7.56 -3.14
C GLN A 221 12.52 6.59 -2.80
N LEU A 222 12.25 5.57 -1.99
CA LEU A 222 13.22 4.49 -1.81
C LEU A 222 13.48 3.78 -3.13
N ASP A 223 12.40 3.45 -3.84
CA ASP A 223 12.52 2.84 -5.17
C ASP A 223 13.39 3.70 -6.08
N ASP A 224 13.17 5.02 -6.06
CA ASP A 224 13.99 5.92 -6.88
C ASP A 224 15.47 5.77 -6.54
N ARG A 225 15.81 5.71 -5.24
CA ARG A 225 17.21 5.53 -4.86
C ARG A 225 17.78 4.22 -5.38
N LEU A 226 17.00 3.14 -5.30
CA LEU A 226 17.48 1.84 -5.76
C LEU A 226 17.79 1.86 -7.24
N LYS A 227 16.85 2.35 -8.05
CA LYS A 227 17.07 2.35 -9.49
C LYS A 227 18.21 3.30 -9.86
N THR A 228 18.31 4.43 -9.17
CA THR A 228 19.42 5.36 -9.45
C THR A 228 20.76 4.71 -9.17
N ALA A 229 20.83 3.84 -8.14
CA ALA A 229 22.04 3.11 -7.81
C ALA A 229 22.29 1.92 -8.73
N GLY A 230 21.35 1.60 -9.62
CA GLY A 230 21.53 0.54 -10.59
C GLY A 230 20.73 -0.72 -10.29
N PHE A 231 19.99 -0.76 -9.18
CA PHE A 231 19.29 -1.99 -8.77
C PHE A 231 17.88 -1.99 -9.34
N SER A 232 17.80 -2.18 -10.66
CA SER A 232 16.51 -2.23 -11.30
C SER A 232 15.71 -3.47 -10.90
N ARG A 233 16.38 -4.52 -10.42
CA ARG A 233 15.71 -5.76 -10.01
C ARG A 233 15.49 -5.84 -8.50
N ILE A 234 15.57 -4.72 -7.78
CA ILE A 234 15.09 -4.68 -6.40
C ILE A 234 13.81 -3.86 -6.41
N GLY A 235 12.68 -4.51 -6.14
CA GLY A 235 11.39 -3.85 -6.17
C GLY A 235 10.92 -3.44 -4.78
N VAL A 236 10.05 -2.44 -4.74
CA VAL A 236 9.47 -1.92 -3.50
C VAL A 236 7.97 -1.83 -3.70
N VAL A 237 7.20 -2.55 -2.88
CA VAL A 237 5.74 -2.52 -2.97
C VAL A 237 5.18 -2.02 -1.64
N ASN A 238 4.04 -1.35 -1.71
CA ASN A 238 3.48 -0.58 -0.61
C ASN A 238 2.31 -1.33 0.02
N GLN A 239 2.45 -1.70 1.29
CA GLN A 239 1.37 -2.34 2.03
C GLN A 239 1.02 -1.50 3.26
N GLY A 240 1.05 -0.17 3.06
CA GLY A 240 0.54 0.73 4.08
C GLY A 240 -0.96 0.91 3.98
N ILE A 241 -1.59 1.17 5.12
CA ILE A 241 -3.00 1.56 5.16
C ILE A 241 -3.08 2.77 6.09
N SER A 242 -3.55 3.90 5.55
N SER A 242 -3.54 3.89 5.56
CA SER A 242 -3.71 5.08 6.38
CA SER A 242 -3.75 5.09 6.36
C SER A 242 -4.65 4.79 7.55
C SER A 242 -4.65 4.77 7.55
N GLY A 243 -4.18 5.10 8.76
CA GLY A 243 -4.98 4.87 9.97
C GLY A 243 -4.84 3.50 10.60
N ASN A 244 -3.94 2.66 10.10
CA ASN A 244 -3.87 1.26 10.51
C ASN A 244 -3.27 1.12 11.90
N ARG A 245 -3.75 0.10 12.63
CA ARG A 245 -3.25 -0.24 13.96
C ARG A 245 -2.87 -1.71 14.02
N TRP A 246 -1.84 -2.02 14.83
CA TRP A 246 -1.47 -3.41 15.08
C TRP A 246 -2.63 -4.22 15.65
N LEU A 247 -3.31 -3.67 16.66
CA LEU A 247 -4.06 -4.49 17.61
C LEU A 247 -5.57 -4.46 17.41
N ASN A 248 -6.09 -3.55 16.61
CA ASN A 248 -7.53 -3.39 16.47
C ASN A 248 -7.87 -3.05 15.03
N ASP A 249 -9.02 -3.53 14.57
CA ASP A 249 -9.51 -3.11 13.26
C ASP A 249 -9.85 -1.64 13.26
N PHE A 250 -9.80 -1.04 12.06
CA PHE A 250 -10.04 0.37 11.74
C PHE A 250 -8.84 1.24 12.15
N SER A 251 -8.21 1.93 11.19
CA SER A 251 -8.62 1.91 9.78
CA SER A 251 -8.60 1.91 9.78
C SER A 251 -7.95 0.74 9.07
N GLY A 252 -8.75 -0.06 8.36
CA GLY A 252 -8.27 -1.28 7.75
C GLY A 252 -8.21 -2.41 8.76
N PRO A 253 -8.04 -3.65 8.31
CA PRO A 253 -7.92 -4.77 9.25
C PRO A 253 -6.69 -4.59 10.12
N SER A 254 -6.77 -5.07 11.36
CA SER A 254 -5.62 -4.93 12.27
C SER A 254 -4.35 -5.45 11.61
N GLY A 255 -3.22 -4.81 11.95
CA GLY A 255 -1.93 -5.27 11.45
C GLY A 255 -1.67 -6.74 11.73
N THR A 256 -1.99 -7.20 12.95
CA THR A 256 -1.80 -8.61 13.26
CA THR A 256 -1.79 -8.61 13.25
C THR A 256 -2.60 -9.51 12.32
N SER A 257 -3.84 -9.13 12.02
CA SER A 257 -4.70 -10.00 11.23
C SER A 257 -4.37 -9.99 9.74
N ARG A 258 -3.75 -8.92 9.23
CA ARG A 258 -3.48 -8.80 7.80
C ARG A 258 -2.04 -9.12 7.45
N PHE A 259 -1.20 -9.42 8.44
CA PHE A 259 0.23 -9.63 8.17
C PHE A 259 0.47 -10.80 7.21
N ASP A 260 -0.26 -11.90 7.37
CA ASP A 260 -0.07 -13.04 6.47
C ASP A 260 -0.38 -12.65 5.04
N ARG A 261 -1.53 -11.99 4.83
CA ARG A 261 -1.95 -11.63 3.48
C ARG A 261 -1.08 -10.53 2.88
N ASP A 262 -0.83 -9.47 3.66
CA ASP A 262 -0.20 -8.29 3.09
C ASP A 262 1.32 -8.31 3.18
N VAL A 263 1.91 -9.27 3.87
CA VAL A 263 3.37 -9.36 3.91
C VAL A 263 3.82 -10.75 3.48
N LEU A 264 3.47 -11.78 4.27
CA LEU A 264 4.03 -13.11 4.03
C LEU A 264 3.66 -13.63 2.64
N ASN A 265 2.46 -13.33 2.17
CA ASN A 265 1.95 -13.93 0.95
C ASN A 265 2.19 -13.08 -0.29
N VAL A 266 2.95 -12.00 -0.18
CA VAL A 266 3.27 -11.19 -1.35
C VAL A 266 4.20 -11.97 -2.27
N THR A 267 3.87 -11.99 -3.57
CA THR A 267 4.62 -12.82 -4.51
C THR A 267 6.07 -12.36 -4.65
N GLY A 268 7.00 -13.25 -4.29
CA GLY A 268 8.42 -12.95 -4.40
C GLY A 268 9.03 -12.17 -3.26
N ILE A 269 8.30 -11.96 -2.15
CA ILE A 269 8.85 -11.16 -1.05
C ILE A 269 10.18 -11.74 -0.58
N THR A 270 11.17 -10.86 -0.43
CA THR A 270 12.45 -11.19 0.16
C THR A 270 12.78 -10.36 1.39
N HIS A 271 12.20 -9.17 1.53
CA HIS A 271 12.51 -8.24 2.60
C HIS A 271 11.24 -7.54 3.04
N ALA A 272 11.19 -7.16 4.31
CA ALA A 272 10.05 -6.40 4.81
C ALA A 272 10.56 -5.26 5.69
N ILE A 273 9.94 -4.09 5.53
CA ILE A 273 10.20 -2.93 6.40
C ILE A 273 8.90 -2.63 7.12
N ILE A 274 8.91 -2.80 8.44
CA ILE A 274 7.70 -2.68 9.27
C ILE A 274 7.77 -1.36 10.03
N LEU A 275 6.75 -0.51 9.85
CA LEU A 275 6.65 0.77 10.58
C LEU A 275 5.18 0.91 10.98
N LEU A 276 4.86 0.57 12.22
CA LEU A 276 3.45 0.55 12.60
C LEU A 276 3.37 0.68 14.12
N GLY A 277 2.31 1.35 14.57
CA GLY A 277 2.06 1.47 16.00
C GLY A 277 1.60 2.82 16.47
N VAL A 278 1.92 3.91 15.76
CA VAL A 278 1.57 5.23 16.31
C VAL A 278 0.06 5.35 16.48
N ASN A 279 -0.73 4.73 15.61
CA ASN A 279 -2.18 4.82 15.75
C ASN A 279 -2.67 3.99 16.93
N ASP A 280 -2.03 2.86 17.23
CA ASP A 280 -2.41 2.13 18.44
C ASP A 280 -2.32 3.03 19.65
N LEU A 281 -1.29 3.89 19.67
CA LEU A 281 -1.08 4.80 20.78
C LEU A 281 -2.03 5.99 20.72
N GLY A 282 -2.24 6.53 19.53
CA GLY A 282 -2.96 7.78 19.40
C GLY A 282 -4.48 7.65 19.40
N PHE A 283 -5.01 6.47 19.06
CA PHE A 283 -6.47 6.35 18.93
C PHE A 283 -7.19 6.34 20.27
N SER A 284 -6.51 6.01 21.38
CA SER A 284 -7.28 5.73 22.59
C SER A 284 -7.70 6.98 23.34
N ALA A 285 -7.07 8.13 23.10
CA ALA A 285 -7.46 9.33 23.84
C ALA A 285 -8.88 9.76 23.50
N TRP A 286 -9.30 9.57 22.25
CA TRP A 286 -10.58 10.15 21.85
C TRP A 286 -11.30 9.34 20.77
N LEU A 287 -10.58 8.89 19.74
CA LEU A 287 -11.24 8.17 18.65
C LEU A 287 -11.82 6.84 19.13
N ALA A 288 -11.10 6.13 19.99
CA ALA A 288 -11.51 4.79 20.41
C ALA A 288 -11.09 4.56 21.86
N PRO A 289 -11.80 5.16 22.82
CA PRO A 289 -11.37 5.07 24.22
C PRO A 289 -11.49 3.68 24.82
N THR A 290 -12.32 2.81 24.27
CA THR A 290 -12.39 1.43 24.75
C THR A 290 -11.26 0.57 24.21
N GLN A 291 -10.32 1.14 23.45
CA GLN A 291 -9.26 0.37 22.82
C GLN A 291 -7.88 0.88 23.24
N THR A 292 -7.72 1.18 24.53
CA THR A 292 -6.40 1.48 25.06
C THR A 292 -5.54 0.22 25.02
N VAL A 293 -4.28 0.37 24.60
CA VAL A 293 -3.36 -0.76 24.56
C VAL A 293 -2.04 -0.32 25.18
N THR A 294 -1.30 -1.29 25.70
CA THR A 294 -0.01 -1.02 26.33
C THR A 294 1.10 -1.15 25.30
N ALA A 295 2.26 -0.56 25.62
CA ALA A 295 3.44 -0.82 24.80
C ALA A 295 3.75 -2.31 24.74
N GLU A 296 3.48 -3.02 25.84
CA GLU A 296 3.77 -4.45 25.91
C GLU A 296 2.90 -5.24 24.94
N GLN A 297 1.64 -4.84 24.81
CA GLN A 297 0.75 -5.50 23.85
C GLN A 297 1.20 -5.25 22.42
N VAL A 298 1.65 -4.04 22.11
CA VAL A 298 2.18 -3.77 20.77
C VAL A 298 3.43 -4.60 20.52
N ILE A 299 4.33 -4.65 21.50
CA ILE A 299 5.57 -5.40 21.35
C ILE A 299 5.27 -6.88 21.14
N ALA A 300 4.24 -7.41 21.80
CA ALA A 300 3.91 -8.83 21.61
C ALA A 300 3.43 -9.08 20.19
N ALA A 301 2.60 -8.19 19.65
CA ALA A 301 2.14 -8.32 18.27
C ALA A 301 3.30 -8.24 17.30
N MET A 302 4.21 -7.28 17.49
CA MET A 302 5.39 -7.17 16.65
C MET A 302 6.21 -8.44 16.70
N THR A 303 6.38 -8.99 17.91
CA THR A 303 7.18 -10.20 18.10
C THR A 303 6.65 -11.35 17.26
N THR A 304 5.34 -11.57 17.31
CA THR A 304 4.75 -12.69 16.57
C THR A 304 4.88 -12.50 15.06
N ALA A 305 4.72 -11.25 14.59
CA ALA A 305 4.93 -10.96 13.17
C ALA A 305 6.38 -11.21 12.76
N ILE A 306 7.33 -10.77 13.58
CA ILE A 306 8.75 -10.96 13.27
C ILE A 306 9.07 -12.44 13.19
N VAL A 307 8.60 -13.21 14.17
CA VAL A 307 8.85 -14.66 14.18
C VAL A 307 8.31 -15.30 12.90
N LYS A 308 7.09 -14.95 12.51
CA LYS A 308 6.49 -15.54 11.32
C LYS A 308 7.29 -15.21 10.07
N ALA A 309 7.74 -13.95 9.94
CA ALA A 309 8.48 -13.57 8.74
C ALA A 309 9.86 -14.22 8.69
N LYS A 310 10.55 -14.30 9.83
CA LYS A 310 11.85 -14.94 9.85
C LYS A 310 11.74 -16.42 9.51
N ALA A 311 10.67 -17.08 9.98
CA ALA A 311 10.48 -18.50 9.67
C ALA A 311 10.31 -18.74 8.17
N LYS A 312 9.85 -17.75 7.43
CA LYS A 312 9.71 -17.83 5.98
C LYS A 312 10.97 -17.42 5.25
N GLY A 313 12.03 -17.05 5.96
CA GLY A 313 13.27 -16.63 5.35
C GLY A 313 13.29 -15.20 4.85
N ILE A 314 12.31 -14.39 5.24
CA ILE A 314 12.25 -12.98 4.87
C ILE A 314 13.19 -12.18 5.78
N LYS A 315 13.95 -11.23 5.21
CA LYS A 315 14.75 -10.32 6.02
C LYS A 315 13.81 -9.27 6.62
N VAL A 316 13.89 -9.06 7.92
CA VAL A 316 12.89 -8.25 8.62
C VAL A 316 13.57 -7.04 9.24
N PHE A 317 13.13 -5.86 8.82
CA PHE A 317 13.58 -4.59 9.37
C PHE A 317 12.40 -3.89 10.00
N VAL A 318 12.63 -3.27 11.16
CA VAL A 318 11.58 -2.55 11.89
C VAL A 318 12.02 -1.11 12.02
N GLY A 319 11.11 -0.19 11.69
CA GLY A 319 11.39 1.23 11.83
C GLY A 319 10.97 1.74 13.20
N THR A 320 11.75 2.66 13.74
CA THR A 320 11.36 3.36 14.97
C THR A 320 10.19 4.30 14.69
N ILE A 321 9.33 4.45 15.69
CA ILE A 321 8.14 5.30 15.58
C ILE A 321 8.57 6.77 15.65
N ILE A 322 8.25 7.50 14.60
CA ILE A 322 8.65 8.89 14.38
C ILE A 322 8.02 9.78 15.46
N PRO A 323 8.71 10.81 15.93
CA PRO A 323 8.09 11.72 16.91
C PRO A 323 6.80 12.33 16.39
N PHE A 324 5.88 12.62 17.31
CA PHE A 324 4.61 13.22 16.87
C PHE A 324 4.02 14.18 17.91
N LYS A 325 4.86 14.76 18.76
CA LYS A 325 4.34 15.76 19.69
C LYS A 325 3.80 16.95 18.91
N GLY A 326 2.64 17.42 19.32
CA GLY A 326 1.91 18.44 18.59
C GLY A 326 0.74 17.91 17.79
N ALA A 327 0.62 16.60 17.64
CA ALA A 327 -0.46 16.00 16.83
C ALA A 327 -1.71 15.92 17.68
N SER A 328 -2.64 16.85 17.47
CA SER A 328 -3.93 16.91 18.17
C SER A 328 -3.75 16.69 19.67
N MET A 329 -3.00 17.59 20.31
CA MET A 329 -2.60 17.43 21.70
C MET A 329 -3.81 17.19 22.60
N GLY A 330 -3.71 16.15 23.44
CA GLY A 330 -4.78 15.75 24.32
C GLY A 330 -5.81 14.84 23.68
N TYR A 331 -5.81 14.72 22.35
CA TYR A 331 -6.81 13.95 21.64
C TYR A 331 -6.22 12.92 20.69
N TYR A 332 -4.90 12.85 20.61
CA TYR A 332 -4.18 11.82 19.86
C TYR A 332 -2.84 11.64 20.57
N TYR A 333 -1.94 12.62 20.41
CA TYR A 333 -0.74 12.65 21.24
C TYR A 333 -1.10 12.97 22.68
N THR A 334 -0.53 12.20 23.61
CA THR A 334 -0.67 12.42 25.05
C THR A 334 0.64 12.00 25.70
N ASP A 335 0.78 12.32 26.99
CA ASP A 335 1.97 11.83 27.71
C ASP A 335 2.02 10.30 27.74
N ALA A 336 0.85 9.66 27.85
CA ALA A 336 0.82 8.20 27.82
C ALA A 336 1.30 7.66 26.47
N ALA A 337 0.87 8.28 25.37
CA ALA A 337 1.30 7.83 24.05
C ALA A 337 2.80 8.00 23.87
N GLU A 338 3.37 9.09 24.41
CA GLU A 338 4.80 9.29 24.29
C GLU A 338 5.59 8.24 25.07
N ALA A 339 5.13 7.93 26.30
CA ALA A 339 5.81 6.91 27.10
C ALA A 339 5.82 5.58 26.38
N LYS A 340 4.68 5.19 25.81
CA LYS A 340 4.61 3.94 25.07
C LYS A 340 5.50 3.97 23.84
N ARG A 341 5.54 5.11 23.14
CA ARG A 341 6.43 5.24 21.98
C ARG A 341 7.88 4.97 22.36
N GLN A 342 8.32 5.53 23.49
CA GLN A 342 9.71 5.35 23.90
C GLN A 342 9.99 3.90 24.30
N THR A 343 9.03 3.25 24.97
CA THR A 343 9.20 1.84 25.31
C THR A 343 9.31 0.99 24.05
N ILE A 344 8.44 1.24 23.06
CA ILE A 344 8.48 0.50 21.81
C ILE A 344 9.79 0.74 21.07
N ASN A 345 10.23 2.00 21.00
CA ASN A 345 11.46 2.27 20.26
C ASN A 345 12.68 1.68 20.97
N THR A 346 12.71 1.72 22.30
CA THR A 346 13.78 1.01 23.02
C THR A 346 13.79 -0.48 22.66
N PHE A 347 12.61 -1.10 22.60
CA PHE A 347 12.53 -2.51 22.26
C PHE A 347 13.08 -2.76 20.86
N ILE A 348 12.70 -1.91 19.91
CA ILE A 348 13.17 -2.06 18.53
C ILE A 348 14.69 -1.94 18.46
N ARG A 349 15.23 -0.91 19.11
CA ARG A 349 16.65 -0.62 19.01
C ARG A 349 17.51 -1.67 19.69
N ASN A 350 16.95 -2.43 20.63
CA ASN A 350 17.70 -3.46 21.33
C ASN A 350 17.36 -4.87 20.88
N SER A 351 16.43 -5.03 19.94
CA SER A 351 16.01 -6.36 19.52
C SER A 351 17.15 -7.07 18.80
N LYS A 352 17.46 -8.30 19.22
CA LYS A 352 18.36 -9.11 18.43
C LYS A 352 17.63 -10.10 17.55
N GLU A 353 16.29 -10.07 17.55
CA GLU A 353 15.51 -10.94 16.66
C GLU A 353 15.36 -10.32 15.27
N ILE A 354 15.20 -9.01 15.17
CA ILE A 354 15.05 -8.41 13.86
C ILE A 354 16.39 -8.40 13.14
N ASP A 355 16.33 -8.33 11.80
CA ASP A 355 17.57 -8.28 11.04
C ASP A 355 18.21 -6.91 11.08
N GLY A 356 17.46 -5.87 11.35
CA GLY A 356 18.05 -4.56 11.49
C GLY A 356 16.99 -3.54 11.84
N VAL A 357 17.45 -2.44 12.41
CA VAL A 357 16.59 -1.31 12.71
CA VAL A 357 16.61 -1.28 12.74
C VAL A 357 16.76 -0.26 11.62
N ILE A 358 15.66 0.35 11.22
CA ILE A 358 15.71 1.52 10.35
C ILE A 358 15.24 2.69 11.20
N ASP A 359 16.16 3.60 11.56
CA ASP A 359 15.83 4.58 12.59
C ASP A 359 15.22 5.83 11.96
N PHE A 360 13.97 5.66 11.50
CA PHE A 360 13.20 6.78 10.95
C PHE A 360 13.05 7.91 11.97
N ALA A 361 12.88 7.56 13.25
CA ALA A 361 12.72 8.59 14.27
C ALA A 361 13.95 9.49 14.32
N ASP A 362 15.14 8.89 14.32
CA ASP A 362 16.37 9.68 14.35
C ASP A 362 16.52 10.53 13.10
N ALA A 363 16.10 10.00 11.94
CA ALA A 363 16.24 10.72 10.68
C ALA A 363 15.30 11.93 10.61
N LEU A 364 14.10 11.82 11.16
CA LEU A 364 13.10 12.86 10.97
C LEU A 364 12.91 13.76 12.18
N LYS A 365 13.57 13.49 13.30
CA LYS A 365 13.26 14.28 14.49
C LYS A 365 13.82 15.70 14.38
N ASN A 366 13.21 16.61 15.11
CA ASN A 366 13.62 18.01 15.18
C ASN A 366 14.92 18.13 15.99
N PRO A 367 16.01 18.63 15.41
CA PRO A 367 17.24 18.78 16.21
C PRO A 367 17.04 19.68 17.43
N ALA A 368 16.09 20.61 17.38
CA ALA A 368 15.81 21.49 18.51
C ALA A 368 14.98 20.83 19.59
N ASP A 369 14.28 19.73 19.28
CA ASP A 369 13.39 19.06 20.21
C ASP A 369 13.07 17.67 19.67
N PRO A 370 13.70 16.62 20.21
CA PRO A 370 13.57 15.29 19.62
C PRO A 370 12.17 14.69 19.72
N LEU A 371 11.25 15.30 20.49
CA LEU A 371 9.89 14.78 20.56
C LEU A 371 9.01 15.29 19.43
N THR A 372 9.50 16.19 18.57
CA THR A 372 8.72 16.70 17.46
C THR A 372 9.40 16.34 16.14
N ILE A 373 8.59 16.28 15.09
CA ILE A 373 9.14 16.11 13.75
C ILE A 373 9.87 17.39 13.33
N ASN A 374 10.95 17.22 12.60
CA ASN A 374 11.70 18.36 12.08
C ASN A 374 10.75 19.26 11.30
N PRO A 375 10.69 20.56 11.62
CA PRO A 375 9.74 21.44 10.90
C PRO A 375 9.86 21.40 9.39
N ILE A 376 11.05 21.19 8.84
CA ILE A 376 11.20 21.15 7.39
C ILE A 376 10.59 19.89 6.80
N TYR A 377 10.29 18.88 7.62
CA TYR A 377 9.68 17.64 7.17
C TYR A 377 8.21 17.51 7.58
N ASP A 378 7.67 18.50 8.28
CA ASP A 378 6.31 18.45 8.83
C ASP A 378 5.31 18.92 7.77
N SER A 379 4.36 18.05 7.42
CA SER A 379 3.30 18.45 6.49
C SER A 379 2.43 19.56 7.06
N GLY A 380 2.43 19.73 8.38
CA GLY A 380 1.63 20.75 9.03
C GLY A 380 0.79 20.24 10.17
N ASP A 381 0.64 18.91 10.29
CA ASP A 381 -0.21 18.35 11.36
C ASP A 381 0.61 17.69 12.45
N ALA A 382 1.94 17.81 12.40
CA ALA A 382 2.89 17.31 13.40
C ALA A 382 2.98 15.79 13.41
N LEU A 383 2.30 15.13 12.48
CA LEU A 383 2.25 13.67 12.42
C LEU A 383 2.74 13.13 11.10
N HIS A 384 2.24 13.66 9.97
CA HIS A 384 2.60 13.12 8.67
C HIS A 384 3.70 13.93 8.03
N PRO A 385 4.73 13.27 7.51
CA PRO A 385 5.77 13.98 6.74
C PRO A 385 5.18 14.63 5.49
N ASN A 386 5.90 15.61 4.98
CA ASN A 386 5.66 16.14 3.65
C ASN A 386 6.53 15.40 2.63
N ASP A 387 6.49 15.82 1.36
CA ASP A 387 7.33 15.18 0.35
C ASP A 387 8.79 15.12 0.78
N ALA A 388 9.30 16.21 1.34
CA ALA A 388 10.70 16.25 1.74
C ALA A 388 10.95 15.28 2.89
N GLY A 389 9.98 15.14 3.78
CA GLY A 389 10.12 14.18 4.87
C GLY A 389 10.10 12.75 4.38
N TYR A 390 9.26 12.46 3.40
CA TYR A 390 9.28 11.11 2.82
C TYR A 390 10.57 10.86 2.05
N GLU A 391 11.10 11.90 1.40
CA GLU A 391 12.41 11.78 0.79
C GLU A 391 13.48 11.48 1.83
N ALA A 392 13.39 12.12 3.00
CA ALA A 392 14.40 11.91 4.05
C ALA A 392 14.27 10.52 4.66
N MET A 393 13.05 10.02 4.82
CA MET A 393 12.87 8.63 5.24
C MET A 393 13.57 7.68 4.29
N ALA A 394 13.34 7.84 2.98
CA ALA A 394 13.98 6.97 2.01
C ALA A 394 15.50 7.11 2.05
N ALA A 395 15.99 8.33 2.25
CA ALA A 395 17.43 8.57 2.25
C ALA A 395 18.12 7.92 3.44
N ALA A 396 17.39 7.70 4.53
CA ALA A 396 17.99 7.15 5.74
C ALA A 396 18.30 5.67 5.63
N ILE A 397 17.78 4.98 4.60
CA ILE A 397 17.86 3.53 4.53
C ILE A 397 19.17 3.11 3.88
N ASP A 398 19.89 2.20 4.54
CA ASP A 398 21.10 1.61 3.97
C ASP A 398 20.69 0.61 2.91
N LEU A 399 20.96 0.93 1.63
CA LEU A 399 20.54 0.04 0.54
C LEU A 399 21.22 -1.33 0.60
N SER A 400 22.33 -1.46 1.32
N SER A 400 22.33 -1.46 1.32
CA SER A 400 22.93 -2.78 1.52
CA SER A 400 22.92 -2.78 1.49
C SER A 400 21.98 -3.72 2.23
C SER A 400 22.01 -3.72 2.27
N LYS A 401 21.08 -3.18 3.07
CA LYS A 401 20.10 -4.02 3.77
C LYS A 401 19.18 -4.75 2.79
N LEU A 402 18.95 -4.20 1.61
CA LEU A 402 17.91 -4.70 0.71
C LEU A 402 18.46 -5.62 -0.36
N GLN A 403 19.69 -6.10 -0.19
CA GLN A 403 20.36 -6.91 -1.21
C GLN A 403 20.09 -8.40 -1.00
#